data_5MTW
#
_entry.id   5MTW
#
_cell.length_a   86.860
_cell.length_b   89.960
_cell.length_c   91.340
_cell.angle_alpha   90.00
_cell.angle_beta   90.00
_cell.angle_gamma   90.00
#
_symmetry.space_group_name_H-M   'P 21 21 21'
#
loop_
_entity.id
_entity.type
_entity.pdbx_description
1 polymer 'SecB-like chaperone Rv1957'
2 polymer 'Antitoxin HigA1'
3 non-polymer 'DIMETHYL SULFOXIDE'
4 non-polymer 'CALCIUM ION'
5 water water
#
loop_
_entity_poly.entity_id
_entity_poly.type
_entity_poly.pdbx_seq_one_letter_code
_entity_poly.pdbx_strand_id
1 'polypeptide(L)'
;GSHMTDRTDADDLDLQRVGARLAARAQIRDIRLLRTQAAVHRAPKPAQGLTYDLEFEPAVDADPATISAFVVRISCHLRI
QNQAADDDVKEGDTKDETQDVATADFEFAALFDYHLQEGEDDPTEEELTAYAATTGRFALYPYIREYVYDLTGRLALPPL
TLEILSRPMPVSPGAQWPATRGTP
;
C,D,A,B
2 'polypeptide(L)' EVPTWHRLSSYRG E,F,G
#
loop_
_chem_comp.id
_chem_comp.type
_chem_comp.name
_chem_comp.formula
CA non-polymer 'CALCIUM ION' 'Ca 2'
DMS non-polymer 'DIMETHYL SULFOXIDE' 'C2 H6 O S'
#
# COMPACT_ATOMS: atom_id res chain seq x y z
N GLN A 16 2.72 25.69 18.32
CA GLN A 16 2.17 25.17 19.61
C GLN A 16 1.12 26.14 20.23
N ARG A 17 1.53 27.23 20.87
CA ARG A 17 0.57 28.21 21.41
C ARG A 17 -0.21 28.88 20.26
N VAL A 18 0.47 29.26 19.17
CA VAL A 18 -0.15 30.09 18.14
C VAL A 18 -1.31 29.32 17.53
N GLY A 19 -1.23 28.01 17.55
CA GLY A 19 -2.22 27.16 16.89
C GLY A 19 -3.04 26.33 17.85
N ALA A 20 -2.91 26.57 19.17
CA ALA A 20 -3.70 25.82 20.21
C ALA A 20 -5.20 26.04 20.08
N ARG A 21 -5.57 27.27 19.76
CA ARG A 21 -6.97 27.60 19.61
C ARG A 21 -7.65 26.81 18.45
N LEU A 22 -7.01 26.82 17.29
CA LEU A 22 -7.48 26.02 16.17
C LEU A 22 -7.35 24.50 16.40
N ALA A 23 -6.34 24.08 17.16
CA ALA A 23 -6.21 22.69 17.55
C ALA A 23 -7.37 22.16 18.40
N ALA A 24 -8.11 23.00 19.12
CA ALA A 24 -9.23 22.48 19.98
C ALA A 24 -10.51 22.40 19.19
N ARG A 25 -10.55 23.07 18.04
CA ARG A 25 -11.75 23.19 17.24
C ARG A 25 -11.71 22.53 15.86
N ALA A 26 -10.54 22.02 15.46
CA ALA A 26 -10.33 21.44 14.13
C ALA A 26 -10.42 19.93 14.16
N GLN A 27 -11.09 19.37 13.15
CA GLN A 27 -11.22 17.93 13.01
C GLN A 27 -10.68 17.47 11.63
N ILE A 28 -9.86 16.43 11.63
CA ILE A 28 -9.36 15.82 10.36
C ILE A 28 -10.49 15.04 9.65
N ARG A 29 -10.58 15.13 8.31
CA ARG A 29 -11.68 14.48 7.57
C ARG A 29 -11.17 13.44 6.61
N ASP A 30 -10.06 13.72 5.90
CA ASP A 30 -9.59 12.82 4.86
C ASP A 30 -8.14 13.17 4.46
N ILE A 31 -7.54 12.25 3.74
CA ILE A 31 -6.16 12.35 3.25
C ILE A 31 -6.16 11.84 1.81
N ARG A 32 -5.44 12.52 0.97
CA ARG A 32 -5.27 11.99 -0.37
C ARG A 32 -3.86 12.35 -0.92
N LEU A 33 -3.43 11.53 -1.86
CA LEU A 33 -2.35 11.85 -2.73
C LEU A 33 -2.87 12.85 -3.80
N LEU A 34 -2.18 13.97 -4.02
CA LEU A 34 -2.55 14.94 -5.07
C LEU A 34 -1.88 14.66 -6.39
N ARG A 35 -0.57 14.33 -6.32
CA ARG A 35 0.23 14.12 -7.43
C ARG A 35 1.45 13.33 -7.05
N THR A 36 1.99 12.71 -8.08
CA THR A 36 3.28 11.97 -8.02
C THR A 36 4.05 11.87 -9.35
N GLN A 37 5.37 11.79 -9.29
CA GLN A 37 6.19 11.62 -10.46
C GLN A 37 7.48 10.94 -9.97
N ALA A 38 7.82 9.83 -10.56
CA ALA A 38 9.06 9.14 -10.17
C ALA A 38 9.66 8.30 -11.29
N ALA A 39 10.97 8.01 -11.19
CA ALA A 39 11.69 7.23 -12.18
C ALA A 39 12.95 6.68 -11.55
N VAL A 40 13.26 5.47 -11.98
CA VAL A 40 14.54 4.85 -11.65
C VAL A 40 15.47 5.11 -12.83
N HIS A 41 16.65 5.61 -12.53
CA HIS A 41 17.63 6.00 -13.55
C HIS A 41 18.80 5.02 -13.81
N ARG A 42 19.11 4.11 -12.87
CA ARG A 42 20.39 3.35 -12.81
C ARG A 42 20.22 2.28 -11.73
N ALA A 43 21.10 1.27 -11.72
CA ALA A 43 21.09 0.26 -10.64
C ALA A 43 21.53 0.83 -9.24
N PRO A 44 20.89 0.40 -8.13
CA PRO A 44 21.40 0.79 -6.85
C PRO A 44 22.66 -0.03 -6.55
N LYS A 45 23.52 0.43 -5.63
CA LYS A 45 24.78 -0.29 -5.23
C LYS A 45 24.96 -0.24 -3.73
N PRO A 46 24.15 -1.03 -2.99
CA PRO A 46 24.19 -0.97 -1.51
C PRO A 46 25.65 -1.06 -0.96
N ALA A 47 26.40 -2.02 -1.53
CA ALA A 47 27.77 -2.28 -1.11
C ALA A 47 28.70 -1.09 -1.32
N GLN A 48 28.52 -0.32 -2.39
CA GLN A 48 29.27 0.94 -2.54
C GLN A 48 28.80 1.92 -1.46
N GLY A 49 27.51 1.88 -1.17
CA GLY A 49 26.90 2.79 -0.20
C GLY A 49 25.71 3.47 -0.87
N LEU A 50 24.50 3.16 -0.39
CA LEU A 50 23.28 3.78 -0.94
C LEU A 50 22.68 4.77 0.07
N THR A 51 22.32 5.95 -0.43
CA THR A 51 21.77 6.95 0.45
C THR A 51 20.54 7.73 -0.14
N TYR A 52 20.00 8.66 0.62
CA TYR A 52 18.87 9.46 0.14
C TYR A 52 18.78 10.81 0.73
N ASP A 53 18.15 11.69 -0.01
CA ASP A 53 17.80 13.04 0.43
C ASP A 53 16.30 13.17 0.32
N LEU A 54 15.68 13.83 1.29
CA LEU A 54 14.20 14.05 1.31
C LEU A 54 13.85 15.46 1.81
N GLU A 55 13.35 16.29 0.92
CA GLU A 55 13.05 17.70 1.17
C GLU A 55 11.51 17.68 1.28
N PHE A 56 10.97 18.35 2.30
CA PHE A 56 9.52 18.52 2.47
C PHE A 56 9.19 20.01 2.30
N GLU A 57 8.02 20.35 1.77
CA GLU A 57 7.59 21.75 1.77
C GLU A 57 6.09 21.76 2.15
N PRO A 58 5.76 22.25 3.36
CA PRO A 58 4.37 22.38 3.80
C PRO A 58 3.61 23.62 3.27
N ALA A 59 2.29 23.53 3.17
CA ALA A 59 1.52 24.63 2.69
C ALA A 59 0.13 24.44 3.27
N VAL A 60 -0.62 25.50 3.42
CA VAL A 60 -2.02 25.35 3.90
C VAL A 60 -2.92 26.14 2.90
N ASP A 61 -4.09 25.61 2.58
CA ASP A 61 -5.06 26.34 1.72
C ASP A 61 -6.28 26.51 2.56
N ALA A 62 -6.70 27.76 2.71
CA ALA A 62 -7.83 28.09 3.52
C ALA A 62 -8.53 29.32 2.98
N ASP A 63 -9.77 29.50 3.34
CA ASP A 63 -10.44 30.78 3.02
C ASP A 63 -11.50 30.88 4.07
N PRO A 64 -11.09 31.23 5.29
CA PRO A 64 -11.92 31.03 6.46
C PRO A 64 -13.19 31.88 6.55
N ALA A 65 -13.28 32.96 5.79
CA ALA A 65 -14.51 33.74 5.77
C ALA A 65 -15.63 33.05 4.96
N THR A 66 -15.29 32.15 4.06
CA THR A 66 -16.30 31.50 3.20
C THR A 66 -16.61 30.08 3.58
N ILE A 67 -15.58 29.36 4.01
CA ILE A 67 -15.76 27.99 4.43
C ILE A 67 -14.89 27.71 5.61
N SER A 68 -15.42 26.84 6.45
CA SER A 68 -14.74 26.54 7.67
C SER A 68 -13.99 25.19 7.43
N ALA A 69 -13.33 25.07 6.28
CA ALA A 69 -12.52 23.86 5.96
C ALA A 69 -11.16 24.36 5.47
N PHE A 70 -10.10 23.60 5.78
CA PHE A 70 -8.80 23.86 5.19
C PHE A 70 -8.03 22.62 4.82
N VAL A 71 -7.06 22.83 3.94
CA VAL A 71 -6.23 21.71 3.49
C VAL A 71 -4.77 21.92 3.81
N VAL A 72 -4.16 20.96 4.46
CA VAL A 72 -2.70 20.93 4.70
C VAL A 72 -2.07 20.07 3.63
N ARG A 73 -1.07 20.63 2.93
CA ARG A 73 -0.37 19.95 1.86
C ARG A 73 1.12 19.86 2.23
N ILE A 74 1.69 18.71 1.98
CA ILE A 74 3.15 18.55 2.05
C ILE A 74 3.65 18.01 0.73
N SER A 75 4.47 18.85 0.11
CA SER A 75 5.23 18.56 -1.12
C SER A 75 6.58 17.92 -0.74
N CYS A 76 6.92 16.80 -1.39
CA CYS A 76 8.13 16.06 -1.07
C CYS A 76 9.01 15.87 -2.32
N HIS A 77 10.31 15.88 -2.10
CA HIS A 77 11.31 15.58 -3.18
C HIS A 77 12.30 14.53 -2.61
N LEU A 78 12.26 13.35 -3.18
CA LEU A 78 13.08 12.23 -2.78
C LEU A 78 14.12 11.97 -3.86
N ARG A 79 15.35 11.85 -3.40
CA ARG A 79 16.47 11.55 -4.30
C ARG A 79 17.20 10.41 -3.64
N ILE A 80 17.23 9.30 -4.34
CA ILE A 80 17.99 8.11 -3.93
C ILE A 80 19.28 8.05 -4.77
N GLN A 81 20.38 7.83 -4.08
CA GLN A 81 21.70 7.98 -4.65
C GLN A 81 22.67 6.88 -4.20
N ASN A 82 23.48 6.45 -5.15
CA ASN A 82 24.79 5.71 -4.94
C ASN A 82 25.91 6.64 -4.43
N GLN A 83 26.54 6.25 -3.33
CA GLN A 83 27.68 7.00 -2.74
C GLN A 83 29.02 6.46 -3.34
N ALA A 84 30.03 7.33 -3.42
CA ALA A 84 31.43 6.90 -3.34
C ALA A 84 31.90 6.06 -4.51
N THR A 98 28.65 10.39 -5.92
CA THR A 98 27.26 10.71 -5.56
C THR A 98 26.42 10.76 -6.81
N GLN A 99 25.91 9.59 -7.22
CA GLN A 99 25.17 9.36 -8.49
C GLN A 99 23.65 9.03 -8.19
N ASP A 100 22.73 9.63 -8.92
CA ASP A 100 21.28 9.48 -8.62
C ASP A 100 20.77 8.18 -9.20
N VAL A 101 20.09 7.38 -8.38
CA VAL A 101 19.53 6.09 -8.79
C VAL A 101 18.00 6.16 -9.08
N ALA A 102 17.32 7.04 -8.37
CA ALA A 102 15.90 7.33 -8.57
C ALA A 102 15.54 8.62 -7.92
N THR A 103 14.44 9.22 -8.40
CA THR A 103 13.95 10.44 -7.91
C THR A 103 12.41 10.42 -7.94
N ALA A 104 11.85 11.07 -6.96
CA ALA A 104 10.41 11.23 -6.88
C ALA A 104 10.02 12.56 -6.34
N ASP A 105 8.93 13.07 -6.87
CA ASP A 105 8.33 14.31 -6.40
C ASP A 105 6.82 14.06 -6.28
N PHE A 106 6.32 14.16 -5.08
CA PHE A 106 4.93 13.91 -4.82
C PHE A 106 4.36 14.85 -3.76
N GLU A 107 3.04 14.91 -3.66
CA GLU A 107 2.44 15.75 -2.67
C GLU A 107 1.14 15.17 -2.08
N PHE A 108 1.08 15.11 -0.76
CA PHE A 108 -0.05 14.65 -0.03
C PHE A 108 -0.88 15.84 0.51
N ALA A 109 -2.17 15.59 0.69
CA ALA A 109 -3.07 16.52 1.25
C ALA A 109 -3.90 15.92 2.32
N ALA A 110 -4.10 16.68 3.39
CA ALA A 110 -5.02 16.42 4.48
C ALA A 110 -6.13 17.55 4.62
N LEU A 111 -7.37 17.07 4.70
CA LEU A 111 -8.58 17.93 4.73
C LEU A 111 -9.07 18.02 6.21
N PHE A 112 -9.25 19.22 6.72
CA PHE A 112 -9.74 19.42 8.03
C PHE A 112 -10.91 20.37 7.95
N ASP A 113 -11.78 20.28 8.92
CA ASP A 113 -12.69 21.37 9.10
C ASP A 113 -12.79 21.74 10.61
N TYR A 114 -13.47 22.85 10.87
CA TYR A 114 -13.67 23.31 12.27
C TYR A 114 -15.02 24.01 12.49
N HIS A 115 -15.37 24.16 13.78
CA HIS A 115 -16.64 24.76 14.28
C HIS A 115 -16.25 25.94 15.16
N LEU A 116 -16.68 27.15 14.83
CA LEU A 116 -16.13 28.37 15.50
C LEU A 116 -16.77 28.59 16.88
N GLU A 120 -17.80 34.05 17.55
CA GLU A 120 -16.49 33.46 17.70
C GLU A 120 -15.70 33.70 16.40
N ASP A 121 -14.40 33.91 16.57
CA ASP A 121 -13.56 34.57 15.59
C ASP A 121 -12.85 33.62 14.53
N ASP A 122 -12.92 33.95 13.24
CA ASP A 122 -12.19 33.18 12.19
C ASP A 122 -10.68 32.92 12.51
N PRO A 123 -10.19 31.72 12.17
CA PRO A 123 -8.75 31.49 12.28
C PRO A 123 -7.92 32.41 11.34
N THR A 124 -6.80 32.93 11.82
CA THR A 124 -5.90 33.75 11.00
C THR A 124 -4.80 32.89 10.29
N GLU A 125 -4.12 33.49 9.31
CA GLU A 125 -3.03 32.87 8.57
C GLU A 125 -1.92 32.31 9.46
N GLU A 126 -1.66 32.95 10.60
CA GLU A 126 -0.66 32.46 11.57
C GLU A 126 -1.13 31.20 12.26
N GLU A 127 -2.40 31.19 12.67
CA GLU A 127 -2.99 30.08 13.35
C GLU A 127 -3.01 28.80 12.43
N LEU A 128 -3.46 28.98 11.19
CA LEU A 128 -3.49 27.96 10.19
C LEU A 128 -2.10 27.40 9.91
N THR A 129 -1.12 28.31 9.72
CA THR A 129 0.30 27.95 9.47
C THR A 129 0.89 27.16 10.65
N ALA A 130 0.64 27.59 11.88
CA ALA A 130 1.22 26.87 13.02
C ALA A 130 0.62 25.45 13.13
N TYR A 131 -0.69 25.37 12.87
CA TYR A 131 -1.43 24.10 13.02
C TYR A 131 -0.94 23.13 12.00
N ALA A 132 -0.71 23.61 10.76
CA ALA A 132 -0.21 22.85 9.62
C ALA A 132 1.18 22.33 9.89
N ALA A 133 1.98 23.20 10.49
CA ALA A 133 3.36 22.88 10.84
C ALA A 133 3.50 21.84 11.93
N THR A 134 2.46 21.67 12.73
CA THR A 134 2.52 20.74 13.83
C THR A 134 1.60 19.55 13.59
N THR A 135 0.30 19.68 13.91
CA THR A 135 -0.63 18.58 13.80
C THR A 135 -0.69 18.15 12.34
N GLY A 136 -0.79 19.10 11.42
CA GLY A 136 -0.87 18.78 9.99
C GLY A 136 0.26 17.92 9.48
N ARG A 137 1.46 18.38 9.73
CA ARG A 137 2.68 17.72 9.33
C ARG A 137 2.83 16.29 9.90
N PHE A 138 2.55 16.18 11.18
CA PHE A 138 2.69 14.88 11.83
C PHE A 138 1.54 13.87 11.53
N ALA A 139 0.37 14.39 11.14
CA ALA A 139 -0.68 13.51 10.63
C ALA A 139 -0.32 12.87 9.26
N LEU A 140 0.31 13.68 8.46
CA LEU A 140 0.62 13.33 7.07
C LEU A 140 1.89 12.50 6.97
N TYR A 141 2.84 12.70 7.88
CA TYR A 141 4.11 12.02 7.78
C TYR A 141 3.99 10.51 7.62
N PRO A 142 3.06 9.84 8.36
CA PRO A 142 3.02 8.36 8.19
C PRO A 142 2.56 7.92 6.77
N TYR A 143 1.77 8.77 6.10
CA TYR A 143 1.33 8.47 4.78
C TYR A 143 2.43 8.63 3.77
N ILE A 144 3.28 9.58 4.11
CA ILE A 144 4.44 9.88 3.27
C ILE A 144 5.45 8.74 3.37
N ARG A 145 5.67 8.27 4.58
CA ARG A 145 6.58 7.16 4.79
C ARG A 145 6.09 5.85 4.11
N GLU A 146 4.78 5.59 4.20
CA GLU A 146 4.22 4.40 3.60
C GLU A 146 4.35 4.48 2.06
N TYR A 147 4.17 5.68 1.52
CA TYR A 147 4.25 5.85 0.11
C TYR A 147 5.69 5.62 -0.44
N VAL A 148 6.68 6.11 0.31
CA VAL A 148 8.04 5.92 -0.05
C VAL A 148 8.41 4.42 -0.05
N TYR A 149 7.88 3.72 0.94
CA TYR A 149 8.17 2.31 1.12
C TYR A 149 7.54 1.56 -0.06
N ASP A 150 6.31 1.94 -0.42
CA ASP A 150 5.58 1.25 -1.50
C ASP A 150 6.25 1.50 -2.85
N LEU A 151 6.60 2.77 -3.09
CA LEU A 151 7.22 3.15 -4.33
C LEU A 151 8.53 2.54 -4.57
N THR A 152 9.39 2.59 -3.57
CA THR A 152 10.68 2.02 -3.78
C THR A 152 10.60 0.56 -4.05
N GLY A 153 9.65 -0.15 -3.39
CA GLY A 153 9.42 -1.58 -3.66
C GLY A 153 8.99 -1.79 -5.14
N ARG A 154 8.10 -0.90 -5.62
CA ARG A 154 7.54 -1.09 -6.96
C ARG A 154 8.66 -0.88 -8.02
N LEU A 155 9.55 0.09 -7.75
CA LEU A 155 10.68 0.36 -8.67
C LEU A 155 11.79 -0.72 -8.56
N ALA A 156 11.64 -1.67 -7.63
CA ALA A 156 12.56 -2.77 -7.45
C ALA A 156 13.86 -2.32 -6.81
N LEU A 157 13.78 -1.22 -6.06
CA LEU A 157 14.89 -0.73 -5.30
C LEU A 157 14.85 -1.44 -3.92
N PRO A 158 15.97 -1.42 -3.21
CA PRO A 158 15.89 -1.84 -1.79
C PRO A 158 14.82 -0.97 -1.17
N PRO A 159 13.91 -1.59 -0.42
CA PRO A 159 12.82 -0.79 0.21
C PRO A 159 13.34 0.24 1.22
N LEU A 160 13.00 1.51 0.97
CA LEU A 160 13.33 2.58 1.85
C LEU A 160 12.23 2.79 2.89
N THR A 161 12.60 2.58 4.15
CA THR A 161 11.69 2.89 5.25
C THR A 161 12.15 4.13 6.02
N LEU A 162 11.45 5.25 5.85
CA LEU A 162 11.86 6.48 6.52
C LEU A 162 11.84 6.27 8.04
N GLU A 163 12.65 7.08 8.69
CA GLU A 163 12.72 7.11 10.15
C GLU A 163 11.38 7.59 10.77
N ILE A 164 11.08 7.05 11.93
CA ILE A 164 9.99 7.56 12.73
C ILE A 164 10.33 8.99 13.26
N LEU A 165 9.60 10.02 12.86
CA LEU A 165 9.93 11.37 13.31
C LEU A 165 9.41 11.63 14.71
N SER A 166 10.30 12.07 15.62
CA SER A 166 9.94 12.61 16.97
C SER A 166 9.06 13.86 16.92
N ARG A 167 8.07 13.93 17.80
CA ARG A 167 7.32 15.14 18.02
C ARG A 167 7.35 15.58 19.50
N PRO A 168 7.63 16.87 19.80
CA PRO A 168 7.37 17.29 21.21
C PRO A 168 5.92 17.00 21.68
N MET A 169 5.75 16.14 22.71
CA MET A 169 4.45 15.53 23.08
C MET A 169 3.23 16.40 22.74
N LEU B 13 -4.45 -14.47 -32.77
CA LEU B 13 -4.21 -15.75 -33.48
C LEU B 13 -2.86 -15.69 -34.20
N ASP B 14 -2.70 -14.69 -35.05
CA ASP B 14 -1.53 -14.59 -35.91
C ASP B 14 -0.19 -14.46 -35.15
N LEU B 15 -0.10 -13.39 -34.35
CA LEU B 15 1.07 -13.16 -33.51
C LEU B 15 1.26 -14.29 -32.52
N GLN B 16 0.20 -14.88 -31.97
CA GLN B 16 0.38 -16.08 -31.10
C GLN B 16 1.30 -17.09 -31.84
N ARG B 17 0.97 -17.39 -33.10
CA ARG B 17 1.80 -18.28 -33.97
C ARG B 17 3.29 -17.82 -34.13
N VAL B 18 3.49 -16.55 -34.50
CA VAL B 18 4.84 -16.00 -34.73
C VAL B 18 5.66 -16.05 -33.41
N GLY B 19 5.00 -15.75 -32.31
CA GLY B 19 5.64 -15.76 -31.01
C GLY B 19 5.89 -17.11 -30.37
N ALA B 20 5.30 -18.19 -30.91
CA ALA B 20 5.21 -19.49 -30.18
C ALA B 20 6.54 -20.18 -29.98
N ARG B 21 7.46 -20.07 -30.93
CA ARG B 21 8.80 -20.69 -30.77
C ARG B 21 9.58 -20.05 -29.59
N LEU B 22 9.49 -18.73 -29.48
CA LEU B 22 10.09 -18.01 -28.34
C LEU B 22 9.27 -18.27 -27.05
N ALA B 23 7.95 -18.15 -27.14
CA ALA B 23 7.06 -18.52 -26.06
C ALA B 23 7.34 -19.90 -25.48
N ALA B 24 7.70 -20.90 -26.27
CA ALA B 24 7.95 -22.19 -25.64
C ALA B 24 9.29 -22.23 -24.87
N ARG B 25 10.22 -21.31 -25.12
CA ARG B 25 11.55 -21.34 -24.45
C ARG B 25 11.83 -20.23 -23.42
N ALA B 26 10.87 -19.34 -23.18
CA ALA B 26 11.05 -18.16 -22.33
C ALA B 26 10.30 -18.21 -21.01
N GLN B 27 10.95 -17.70 -19.99
CA GLN B 27 10.38 -17.65 -18.66
C GLN B 27 10.50 -16.26 -18.05
N ILE B 28 9.39 -15.78 -17.48
CA ILE B 28 9.35 -14.51 -16.75
C ILE B 28 10.13 -14.59 -15.43
N ARG B 29 10.95 -13.58 -15.17
CA ARG B 29 11.80 -13.54 -14.00
CA ARG B 29 11.80 -13.54 -14.01
C ARG B 29 11.35 -12.47 -12.99
N ASP B 30 10.86 -11.31 -13.48
CA ASP B 30 10.50 -10.20 -12.59
C ASP B 30 9.74 -9.11 -13.39
N ILE B 31 9.00 -8.32 -12.63
CA ILE B 31 8.16 -7.20 -13.12
C ILE B 31 8.49 -6.00 -12.26
N ARG B 32 8.71 -4.86 -12.87
CA ARG B 32 8.87 -3.65 -12.03
C ARG B 32 8.32 -2.41 -12.73
N LEU B 33 8.03 -1.40 -11.90
CA LEU B 33 7.59 -0.12 -12.37
C LEU B 33 8.87 0.56 -12.74
N LEU B 34 8.90 1.24 -13.89
CA LEU B 34 10.10 2.06 -14.29
C LEU B 34 9.91 3.56 -14.02
N ARG B 35 8.69 4.02 -14.27
CA ARG B 35 8.37 5.45 -14.10
C ARG B 35 6.87 5.67 -13.96
N THR B 36 6.50 6.80 -13.36
CA THR B 36 5.12 7.12 -13.16
C THR B 36 4.97 8.61 -13.05
N GLN B 37 3.84 9.08 -13.54
CA GLN B 37 3.47 10.49 -13.46
C GLN B 37 1.93 10.51 -13.34
N ALA B 38 1.40 11.05 -12.27
CA ALA B 38 -0.11 11.07 -12.06
C ALA B 38 -0.56 12.23 -11.21
N ALA B 39 -1.77 12.67 -11.49
CA ALA B 39 -2.30 13.82 -10.74
C ALA B 39 -3.83 13.68 -10.75
N VAL B 40 -4.46 14.20 -9.70
CA VAL B 40 -5.90 14.36 -9.63
C VAL B 40 -6.08 15.82 -10.00
N HIS B 41 -6.72 16.11 -11.12
CA HIS B 41 -6.83 17.51 -11.55
C HIS B 41 -8.13 18.17 -11.03
N ARG B 42 -9.20 17.42 -10.87
CA ARG B 42 -10.49 17.98 -10.41
C ARG B 42 -11.15 16.85 -9.61
N ALA B 43 -11.37 17.08 -8.33
CA ALA B 43 -12.00 16.07 -7.45
C ALA B 43 -13.35 15.58 -8.06
N PRO B 44 -13.59 14.25 -8.06
CA PRO B 44 -14.84 13.77 -8.61
C PRO B 44 -16.02 14.12 -7.65
N LYS B 45 -17.18 14.51 -8.15
CA LYS B 45 -18.35 14.62 -7.29
C LYS B 45 -18.63 13.25 -6.64
N PRO B 46 -18.92 13.21 -5.34
CA PRO B 46 -19.09 11.87 -4.77
C PRO B 46 -20.14 10.97 -5.48
N ALA B 47 -19.77 9.71 -5.73
CA ALA B 47 -20.62 8.65 -6.32
C ALA B 47 -21.28 8.87 -7.70
N GLN B 48 -20.94 9.97 -8.38
CA GLN B 48 -21.36 10.17 -9.77
C GLN B 48 -20.41 9.35 -10.62
N GLY B 49 -20.94 8.56 -11.55
CA GLY B 49 -20.11 7.63 -12.35
C GLY B 49 -18.84 8.20 -12.97
N LEU B 50 -17.76 7.41 -12.86
CA LEU B 50 -16.46 7.70 -13.52
C LEU B 50 -16.21 6.80 -14.74
N THR B 51 -15.74 7.37 -15.84
CA THR B 51 -15.29 6.56 -16.97
C THR B 51 -13.74 6.63 -17.12
N TYR B 52 -13.15 5.63 -17.80
CA TYR B 52 -11.69 5.59 -18.08
C TYR B 52 -11.34 5.25 -19.52
N ASP B 53 -10.20 5.78 -19.97
CA ASP B 53 -9.59 5.40 -21.22
C ASP B 53 -8.13 5.00 -20.89
N LEU B 54 -7.72 3.80 -21.28
CA LEU B 54 -6.35 3.32 -21.04
C LEU B 54 -5.74 3.08 -22.42
N GLU B 55 -4.62 3.68 -22.70
CA GLU B 55 -3.87 3.41 -23.94
C GLU B 55 -2.58 2.74 -23.50
N PHE B 56 -2.28 1.62 -24.11
CA PHE B 56 -0.97 0.98 -23.84
C PHE B 56 -0.16 0.76 -25.12
N GLU B 57 1.15 0.63 -24.97
CA GLU B 57 2.03 0.33 -26.13
C GLU B 57 3.17 -0.52 -25.64
N PRO B 58 3.38 -1.68 -26.28
CA PRO B 58 4.46 -2.57 -25.83
C PRO B 58 5.73 -2.13 -26.57
N ALA B 59 6.87 -2.33 -25.96
CA ALA B 59 8.15 -2.13 -26.58
C ALA B 59 9.00 -3.29 -26.04
N VAL B 60 10.04 -3.66 -26.76
CA VAL B 60 10.92 -4.72 -26.30
C VAL B 60 12.39 -4.32 -26.44
N ASP B 61 13.16 -4.55 -25.37
CA ASP B 61 14.61 -4.38 -25.41
C ASP B 61 15.32 -5.74 -25.40
N ALA B 62 16.18 -5.96 -26.40
CA ALA B 62 16.80 -7.25 -26.65
C ALA B 62 18.10 -7.12 -27.43
N ASP B 63 19.03 -8.03 -27.19
CA ASP B 63 20.30 -8.06 -27.98
C ASP B 63 20.74 -9.51 -27.97
N PRO B 64 20.04 -10.35 -28.75
CA PRO B 64 20.29 -11.76 -28.65
C PRO B 64 21.77 -12.20 -28.89
N ALA B 65 22.54 -11.54 -29.73
CA ALA B 65 23.97 -11.89 -29.81
C ALA B 65 24.82 -11.68 -28.49
N THR B 66 24.33 -10.88 -27.55
CA THR B 66 25.02 -10.50 -26.30
C THR B 66 24.38 -11.23 -25.08
N ILE B 67 23.05 -11.32 -25.08
CA ILE B 67 22.35 -11.80 -23.89
C ILE B 67 21.10 -12.55 -24.29
N SER B 68 20.92 -13.72 -23.71
CA SER B 68 19.75 -14.53 -23.99
C SER B 68 18.63 -14.19 -22.92
N ALA B 69 18.17 -12.96 -23.01
CA ALA B 69 17.11 -12.43 -22.12
C ALA B 69 16.68 -11.13 -22.75
N PHE B 70 15.52 -10.65 -22.36
CA PHE B 70 14.95 -9.41 -22.99
C PHE B 70 13.96 -8.82 -22.00
N VAL B 71 13.65 -7.57 -22.19
CA VAL B 71 12.72 -6.86 -21.34
C VAL B 71 11.55 -6.35 -22.20
N VAL B 72 10.35 -6.74 -21.82
CA VAL B 72 9.13 -6.18 -22.37
C VAL B 72 8.70 -4.97 -21.52
N ARG B 73 8.53 -3.80 -22.14
CA ARG B 73 8.06 -2.59 -21.43
C ARG B 73 6.67 -2.27 -21.92
N ILE B 74 5.71 -2.05 -21.01
CA ILE B 74 4.39 -1.56 -21.47
C ILE B 74 4.22 -0.16 -20.87
N SER B 75 4.16 0.82 -21.75
CA SER B 75 3.78 2.13 -21.35
C SER B 75 2.26 2.41 -21.48
N CYS B 76 1.76 3.16 -20.50
CA CYS B 76 0.31 3.28 -20.22
C CYS B 76 -0.03 4.75 -20.09
N HIS B 77 -1.14 5.11 -20.67
CA HIS B 77 -1.68 6.45 -20.48
C HIS B 77 -3.14 6.24 -20.06
N LEU B 78 -3.44 6.71 -18.90
CA LEU B 78 -4.72 6.52 -18.23
C LEU B 78 -5.37 7.89 -18.07
N ARG B 79 -6.60 8.00 -18.54
CA ARG B 79 -7.42 9.18 -18.42
C ARG B 79 -8.73 8.77 -17.69
N ILE B 80 -9.03 9.46 -16.62
CA ILE B 80 -10.29 9.23 -15.90
C ILE B 80 -11.12 10.48 -15.97
N GLN B 81 -12.42 10.32 -16.28
CA GLN B 81 -13.37 11.44 -16.30
C GLN B 81 -14.69 11.10 -15.61
N ASN B 82 -15.49 12.12 -15.28
CA ASN B 82 -16.90 11.88 -14.90
C ASN B 82 -17.73 11.49 -16.13
N GLN B 83 -18.69 10.60 -15.94
CA GLN B 83 -19.70 10.28 -16.97
C GLN B 83 -20.79 11.34 -17.01
N GLN B 99 -11.71 18.65 -18.89
CA GLN B 99 -12.71 17.85 -18.17
C GLN B 99 -12.16 16.57 -17.52
N ASP B 100 -10.83 16.36 -17.54
CA ASP B 100 -10.25 15.18 -16.85
C ASP B 100 -10.27 15.34 -15.35
N VAL B 101 -10.69 14.29 -14.67
CA VAL B 101 -10.72 14.20 -13.22
C VAL B 101 -9.29 13.84 -12.75
N ALA B 102 -8.72 12.83 -13.40
CA ALA B 102 -7.31 12.37 -13.14
C ALA B 102 -6.61 11.78 -14.35
N THR B 103 -5.28 11.84 -14.32
CA THR B 103 -4.48 11.24 -15.36
C THR B 103 -3.26 10.56 -14.79
N ALA B 104 -2.78 9.58 -15.54
CA ALA B 104 -1.51 8.92 -15.20
C ALA B 104 -0.81 8.42 -16.45
N ASP B 105 0.48 8.50 -16.41
CA ASP B 105 1.38 8.03 -17.48
C ASP B 105 2.40 7.21 -16.75
N PHE B 106 2.55 5.92 -17.05
CA PHE B 106 3.55 5.09 -16.33
C PHE B 106 3.98 3.95 -17.24
N GLU B 107 5.08 3.31 -16.88
CA GLU B 107 5.64 2.24 -17.66
C GLU B 107 6.09 1.13 -16.68
N PHE B 108 5.69 -0.10 -17.06
CA PHE B 108 6.11 -1.33 -16.47
C PHE B 108 7.13 -2.07 -17.33
N ALA B 109 7.98 -2.80 -16.67
CA ALA B 109 8.96 -3.68 -17.35
C ALA B 109 8.79 -5.12 -16.84
N ALA B 110 8.84 -6.09 -17.77
CA ALA B 110 8.95 -7.49 -17.47
C ALA B 110 10.28 -8.04 -18.06
N LEU B 111 11.07 -8.71 -17.22
CA LEU B 111 12.33 -9.25 -17.59
C LEU B 111 12.07 -10.74 -17.86
N PHE B 112 12.34 -11.15 -19.10
CA PHE B 112 12.23 -12.60 -19.52
C PHE B 112 13.64 -13.14 -19.81
N ASP B 113 13.83 -14.41 -19.46
CA ASP B 113 15.03 -15.14 -19.71
C ASP B 113 14.67 -16.26 -20.65
N TYR B 114 15.55 -16.52 -21.60
CA TYR B 114 15.37 -17.66 -22.47
C TYR B 114 16.65 -18.51 -22.57
N HIS B 115 16.38 -19.76 -22.94
CA HIS B 115 17.30 -20.89 -23.16
C HIS B 115 17.20 -21.33 -24.63
N LEU B 116 18.35 -21.38 -25.29
CA LEU B 116 18.50 -21.92 -26.68
C LEU B 116 19.37 -23.20 -26.72
N GLY B 119 21.57 -26.27 -31.57
CA GLY B 119 21.85 -25.43 -32.74
C GLY B 119 20.74 -24.50 -33.20
N GLU B 120 19.88 -24.09 -32.27
CA GLU B 120 18.69 -23.29 -32.58
C GLU B 120 19.12 -21.88 -32.86
N ASP B 121 18.34 -21.14 -33.63
CA ASP B 121 18.74 -19.76 -33.97
C ASP B 121 18.28 -18.76 -32.87
N ASP B 122 18.95 -17.59 -32.81
CA ASP B 122 18.49 -16.45 -32.01
C ASP B 122 17.03 -16.18 -32.35
N PRO B 123 16.27 -15.59 -31.41
CA PRO B 123 14.95 -15.12 -31.86
C PRO B 123 15.14 -13.89 -32.72
N THR B 124 14.33 -13.74 -33.77
CA THR B 124 14.40 -12.55 -34.61
C THR B 124 13.57 -11.42 -34.02
N GLU B 125 13.77 -10.21 -34.55
CA GLU B 125 13.04 -9.04 -34.05
C GLU B 125 11.52 -9.23 -34.23
N GLU B 126 11.09 -10.05 -35.21
CA GLU B 126 9.63 -10.37 -35.37
C GLU B 126 9.06 -11.29 -34.26
N GLU B 127 9.87 -12.25 -33.84
CA GLU B 127 9.44 -13.18 -32.79
C GLU B 127 9.35 -12.42 -31.48
N LEU B 128 10.28 -11.49 -31.26
CA LEU B 128 10.34 -10.72 -30.00
C LEU B 128 9.15 -9.77 -29.94
N THR B 129 9.01 -8.92 -30.96
CA THR B 129 7.89 -7.98 -31.01
C THR B 129 6.58 -8.76 -30.92
N ALA B 130 6.53 -9.89 -31.60
CA ALA B 130 5.29 -10.72 -31.52
C ALA B 130 4.95 -11.22 -30.09
N TYR B 131 5.93 -11.81 -29.45
CA TYR B 131 5.84 -12.17 -28.03
C TYR B 131 5.49 -11.00 -27.09
N ALA B 132 6.10 -9.84 -27.32
CA ALA B 132 5.90 -8.72 -26.48
C ALA B 132 4.40 -8.25 -26.53
N ALA B 133 3.86 -8.06 -27.73
CA ALA B 133 2.44 -7.65 -27.91
C ALA B 133 1.44 -8.73 -27.57
N THR B 134 1.90 -9.95 -27.34
CA THR B 134 1.00 -11.00 -26.90
C THR B 134 1.27 -11.55 -25.49
N THR B 135 2.19 -12.48 -25.33
CA THR B 135 2.48 -13.07 -24.03
C THR B 135 3.01 -12.00 -23.04
N GLY B 136 3.84 -11.08 -23.54
CA GLY B 136 4.43 -10.08 -22.68
C GLY B 136 3.34 -9.19 -22.05
N ARG B 137 2.46 -8.68 -22.91
CA ARG B 137 1.32 -7.84 -22.52
C ARG B 137 0.44 -8.57 -21.55
N PHE B 138 0.14 -9.81 -21.88
CA PHE B 138 -0.70 -10.62 -21.03
C PHE B 138 -0.12 -10.95 -19.61
N ALA B 139 1.18 -11.21 -19.50
CA ALA B 139 1.82 -11.39 -18.21
C ALA B 139 1.87 -10.04 -17.40
N LEU B 140 1.98 -8.90 -18.10
CA LEU B 140 2.10 -7.61 -17.41
C LEU B 140 0.74 -7.05 -16.96
N TYR B 141 -0.30 -7.37 -17.71
CA TYR B 141 -1.60 -6.73 -17.53
C TYR B 141 -2.20 -6.86 -16.08
N PRO B 142 -2.12 -8.06 -15.42
CA PRO B 142 -2.58 -8.08 -14.08
C PRO B 142 -1.86 -7.13 -13.08
N TYR B 143 -0.59 -6.82 -13.34
CA TYR B 143 0.22 -5.98 -12.49
C TYR B 143 -0.10 -4.52 -12.79
N ILE B 144 -0.43 -4.22 -14.05
CA ILE B 144 -0.92 -2.94 -14.42
C ILE B 144 -2.29 -2.66 -13.76
N ARG B 145 -3.13 -3.69 -13.68
CA ARG B 145 -4.41 -3.58 -13.03
C ARG B 145 -4.21 -3.24 -11.51
N GLU B 146 -3.37 -4.00 -10.83
CA GLU B 146 -3.16 -3.75 -9.39
C GLU B 146 -2.55 -2.33 -9.16
N TYR B 147 -1.60 -1.89 -10.03
CA TYR B 147 -1.08 -0.57 -9.85
C TYR B 147 -2.18 0.57 -10.01
N VAL B 148 -3.02 0.45 -11.00
CA VAL B 148 -4.03 1.43 -11.28
C VAL B 148 -5.02 1.50 -10.09
N TYR B 149 -5.36 0.30 -9.54
CA TYR B 149 -6.23 0.18 -8.39
C TYR B 149 -5.65 0.88 -7.19
N ASP B 150 -4.37 0.60 -6.94
CA ASP B 150 -3.67 1.18 -5.79
C ASP B 150 -3.64 2.71 -5.95
N LEU B 151 -3.21 3.12 -7.12
CA LEU B 151 -2.98 4.58 -7.39
C LEU B 151 -4.29 5.42 -7.40
N THR B 152 -5.30 4.92 -8.11
CA THR B 152 -6.61 5.58 -8.00
C THR B 152 -7.13 5.63 -6.54
N GLY B 153 -6.98 4.54 -5.77
CA GLY B 153 -7.37 4.62 -4.40
C GLY B 153 -6.64 5.71 -3.57
N ARG B 154 -5.32 5.85 -3.77
CA ARG B 154 -4.51 6.88 -3.08
C ARG B 154 -4.93 8.26 -3.44
N LEU B 155 -5.35 8.44 -4.71
CA LEU B 155 -5.86 9.76 -5.18
C LEU B 155 -7.31 10.11 -4.62
N ALA B 156 -7.81 9.23 -3.76
CA ALA B 156 -9.13 9.36 -3.18
C ALA B 156 -10.26 9.28 -4.18
N LEU B 157 -10.08 8.39 -5.13
CA LEU B 157 -11.07 8.08 -6.11
C LEU B 157 -11.56 6.74 -5.71
N PRO B 158 -12.81 6.37 -6.11
CA PRO B 158 -13.19 4.95 -5.95
C PRO B 158 -12.16 4.04 -6.61
N PRO B 159 -11.62 3.03 -5.93
CA PRO B 159 -10.54 2.31 -6.65
C PRO B 159 -11.02 1.67 -8.00
N LEU B 160 -10.34 1.95 -9.09
CA LEU B 160 -10.65 1.41 -10.38
C LEU B 160 -10.06 0.03 -10.59
N THR B 161 -10.90 -0.88 -11.13
CA THR B 161 -10.47 -2.22 -11.42
C THR B 161 -10.57 -2.27 -12.98
N LEU B 162 -9.43 -2.29 -13.68
CA LEU B 162 -9.35 -2.39 -15.12
C LEU B 162 -10.06 -3.67 -15.64
N GLU B 163 -10.70 -3.56 -16.75
CA GLU B 163 -11.33 -4.72 -17.38
C GLU B 163 -10.37 -5.86 -17.80
N ILE B 164 -10.94 -7.04 -18.03
CA ILE B 164 -10.22 -8.24 -18.42
C ILE B 164 -9.63 -7.97 -19.78
N LEU B 165 -8.41 -8.43 -19.98
CA LEU B 165 -7.75 -8.30 -21.28
C LEU B 165 -8.20 -9.45 -22.23
N ASP C 12 -5.65 12.70 32.15
CA ASP C 12 -4.92 13.32 31.00
C ASP C 12 -3.71 14.13 31.52
N LEU C 13 -4.00 15.28 32.15
CA LEU C 13 -2.97 16.22 32.68
C LEU C 13 -2.16 15.68 33.87
N ASP C 14 -2.80 14.84 34.69
CA ASP C 14 -2.14 14.24 35.84
C ASP C 14 -1.20 13.08 35.41
N LEU C 15 -1.67 12.21 34.51
CA LEU C 15 -0.77 11.25 33.83
C LEU C 15 0.33 11.96 33.02
N GLN C 16 -0.02 13.06 32.37
CA GLN C 16 0.94 13.85 31.65
C GLN C 16 2.02 14.27 32.63
N ARG C 17 1.62 14.79 33.80
CA ARG C 17 2.57 15.23 34.85
C ARG C 17 3.60 14.16 35.19
N VAL C 18 3.08 13.01 35.57
CA VAL C 18 3.83 11.84 36.01
C VAL C 18 4.80 11.28 34.94
N GLY C 19 4.51 11.46 33.63
CA GLY C 19 5.37 10.88 32.57
C GLY C 19 6.23 11.94 31.95
N ALA C 20 6.18 13.14 32.50
CA ALA C 20 6.89 14.32 31.94
C ALA C 20 8.44 14.29 31.99
N ARG C 21 9.04 13.68 33.00
CA ARG C 21 10.51 13.53 32.96
C ARG C 21 10.96 12.57 31.80
N LEU C 22 10.23 11.48 31.67
CA LEU C 22 10.36 10.61 30.51
C LEU C 22 10.20 11.36 29.19
N ALA C 23 9.21 12.23 29.06
CA ALA C 23 9.05 12.99 27.77
C ALA C 23 10.32 13.72 27.43
N ALA C 24 11.07 14.13 28.44
CA ALA C 24 12.26 14.94 28.22
C ALA C 24 13.48 14.10 27.93
N ARG C 25 13.52 12.88 28.40
CA ARG C 25 14.72 12.04 28.25
C ARG C 25 14.61 11.02 27.07
N ALA C 26 13.40 10.76 26.64
CA ALA C 26 13.08 9.62 25.74
C ALA C 26 12.92 10.10 24.31
N GLN C 27 13.27 9.23 23.37
CA GLN C 27 13.02 9.51 21.96
C GLN C 27 12.60 8.24 21.27
N ILE C 28 11.63 8.38 20.39
CA ILE C 28 11.15 7.25 19.56
C ILE C 28 12.18 6.78 18.62
N ARG C 29 12.30 5.44 18.51
CA ARG C 29 13.25 4.85 17.60
C ARG C 29 12.57 4.14 16.41
N ASP C 30 11.47 3.44 16.63
CA ASP C 30 10.85 2.64 15.59
C ASP C 30 9.46 2.24 16.03
N ILE C 31 8.65 1.79 15.08
CA ILE C 31 7.31 1.25 15.40
C ILE C 31 7.21 -0.08 14.62
N ARG C 32 6.40 -1.00 15.10
CA ARG C 32 5.99 -2.10 14.28
C ARG C 32 4.61 -2.54 14.70
N LEU C 33 3.92 -3.09 13.73
CA LEU C 33 2.71 -3.80 13.96
C LEU C 33 3.10 -5.14 14.57
N LEU C 34 2.49 -5.53 15.69
CA LEU C 34 2.76 -6.83 16.32
C LEU C 34 1.78 -7.93 15.89
N ARG C 35 0.52 -7.56 15.68
CA ARG C 35 -0.49 -8.54 15.29
C ARG C 35 -1.67 -7.81 14.78
N THR C 36 -2.43 -8.47 13.92
CA THR C 36 -3.68 -7.89 13.42
C THR C 36 -4.71 -8.99 13.10
N GLN C 37 -5.98 -8.66 13.19
CA GLN C 37 -7.08 -9.54 12.78
C GLN C 37 -8.22 -8.64 12.36
N ALA C 38 -8.77 -8.90 11.17
CA ALA C 38 -9.85 -8.06 10.68
C ALA C 38 -10.73 -8.83 9.70
N ALA C 39 -12.03 -8.54 9.67
CA ALA C 39 -12.95 -9.16 8.73
C ALA C 39 -13.99 -8.08 8.44
N VAL C 40 -14.52 -8.14 7.23
CA VAL C 40 -15.72 -7.35 6.90
C VAL C 40 -16.93 -8.32 7.05
N HIS C 41 -17.99 -7.87 7.73
CA HIS C 41 -19.14 -8.75 8.06
C HIS C 41 -20.35 -8.52 7.16
N ARG C 42 -20.62 -7.26 6.83
CA ARG C 42 -21.88 -6.82 6.22
C ARG C 42 -21.57 -5.57 5.43
N ALA C 43 -22.40 -5.27 4.43
CA ALA C 43 -22.03 -4.19 3.50
C ALA C 43 -22.26 -2.84 4.16
N PRO C 44 -21.44 -1.84 3.81
CA PRO C 44 -21.78 -0.49 4.23
C PRO C 44 -23.03 0.03 3.46
N LYS C 45 -24.07 0.49 4.17
CA LYS C 45 -25.31 0.98 3.54
C LYS C 45 -25.03 2.24 2.73
N GLN C 48 -26.84 7.14 4.18
CA GLN C 48 -27.11 6.61 5.51
C GLN C 48 -26.03 7.02 6.50
N GLY C 49 -24.77 6.94 6.06
CA GLY C 49 -23.63 7.39 6.85
C GLY C 49 -23.05 6.30 7.74
N LEU C 50 -21.77 6.44 8.09
CA LEU C 50 -21.07 5.41 8.85
C LEU C 50 -20.54 5.93 10.16
N THR C 51 -20.19 5.00 11.03
CA THR C 51 -19.59 5.42 12.27
C THR C 51 -18.56 4.38 12.77
N TYR C 52 -17.77 4.75 13.77
CA TYR C 52 -16.74 3.86 14.26
C TYR C 52 -16.55 4.05 15.72
N ASP C 53 -16.02 2.98 16.33
CA ASP C 53 -15.67 2.97 17.71
C ASP C 53 -14.28 2.39 17.81
N LEU C 54 -13.36 3.08 18.48
CA LEU C 54 -11.99 2.61 18.73
C LEU C 54 -11.61 2.61 20.24
N GLU C 55 -11.44 1.45 20.82
CA GLU C 55 -11.01 1.34 22.22
C GLU C 55 -9.51 0.96 22.14
N PHE C 56 -8.69 1.47 23.04
CA PHE C 56 -7.23 1.22 23.08
C PHE C 56 -6.85 0.80 24.50
N GLU C 57 -5.86 -0.06 24.67
CA GLU C 57 -5.26 -0.30 26.00
C GLU C 57 -3.74 -0.16 25.86
N PRO C 58 -3.10 0.70 26.67
CA PRO C 58 -1.65 0.78 26.64
C PRO C 58 -1.01 -0.23 27.58
N ALA C 59 0.20 -0.62 27.24
CA ALA C 59 1.11 -1.41 28.09
C ALA C 59 2.54 -0.93 27.79
N VAL C 60 3.46 -1.32 28.65
CA VAL C 60 4.85 -0.96 28.46
C VAL C 60 5.69 -2.13 28.90
N ASP C 61 6.72 -2.46 28.13
CA ASP C 61 7.77 -3.41 28.52
C ASP C 61 9.09 -2.68 28.70
N ALA C 62 9.63 -2.79 29.91
CA ALA C 62 10.83 -2.06 30.26
C ALA C 62 11.65 -2.93 31.23
N ASP C 63 12.96 -2.73 31.26
CA ASP C 63 13.84 -3.28 32.33
C ASP C 63 14.94 -2.25 32.57
N PRO C 64 14.62 -1.19 33.31
CA PRO C 64 15.54 -0.04 33.47
C PRO C 64 16.87 -0.37 34.20
N ALA C 65 16.87 -1.41 35.04
CA ALA C 65 18.10 -1.91 35.63
C ALA C 65 19.08 -2.43 34.59
N THR C 66 18.64 -2.83 33.39
CA THR C 66 19.57 -3.44 32.42
C THR C 66 19.67 -2.76 31.07
N ILE C 67 18.67 -1.96 30.69
CA ILE C 67 18.67 -1.37 29.37
C ILE C 67 17.89 -0.07 29.43
N SER C 68 18.44 0.93 28.79
CA SER C 68 17.83 2.22 28.76
C SER C 68 17.02 2.36 27.47
N ALA C 69 16.09 1.45 27.29
CA ALA C 69 15.11 1.51 26.15
C ALA C 69 13.87 0.85 26.62
N PHE C 70 12.74 1.19 26.05
CA PHE C 70 11.52 0.54 26.44
C PHE C 70 10.55 0.43 25.26
N VAL C 71 9.57 -0.42 25.39
CA VAL C 71 8.58 -0.60 24.27
C VAL C 71 7.22 -0.22 24.79
N VAL C 72 6.53 0.71 24.12
CA VAL C 72 5.14 1.01 24.41
C VAL C 72 4.28 0.16 23.45
N ARG C 73 3.25 -0.49 23.97
CA ARG C 73 2.32 -1.29 23.16
C ARG C 73 0.95 -0.70 23.33
N ILE C 74 0.23 -0.51 22.20
CA ILE C 74 -1.13 -0.08 22.25
C ILE C 74 -1.97 -1.15 21.52
N SER C 75 -2.86 -1.80 22.25
CA SER C 75 -3.86 -2.70 21.71
C SER C 75 -5.13 -1.97 21.38
N CYS C 76 -5.75 -2.30 20.24
CA CYS C 76 -6.86 -1.59 19.69
C CYS C 76 -7.96 -2.55 19.21
N HIS C 77 -9.22 -2.17 19.51
CA HIS C 77 -10.41 -2.84 19.02
C HIS C 77 -11.19 -1.80 18.23
N LEU C 78 -11.36 -2.05 16.93
CA LEU C 78 -12.08 -1.13 16.05
C LEU C 78 -13.35 -1.80 15.62
N ARG C 79 -14.45 -1.03 15.63
CA ARG C 79 -15.72 -1.50 15.11
C ARG C 79 -16.22 -0.46 14.14
N ILE C 80 -16.58 -0.87 12.94
CA ILE C 80 -17.19 0.08 12.02
C ILE C 80 -18.61 -0.35 11.86
N GLN C 81 -19.52 0.63 11.82
CA GLN C 81 -20.96 0.40 11.82
C GLN C 81 -21.72 1.36 10.89
N ASN C 82 -22.92 0.97 10.51
CA ASN C 82 -23.94 1.87 9.91
C ASN C 82 -24.67 2.71 10.97
N GLN C 83 -24.74 4.04 10.79
CA GLN C 83 -25.55 4.95 11.65
C GLN C 83 -27.00 4.66 11.39
N ALA C 84 -27.81 4.56 12.43
CA ALA C 84 -29.14 3.95 12.26
C ALA C 84 -30.23 4.96 12.59
N ASP C 100 -22.74 -4.72 13.06
CA ASP C 100 -21.40 -4.21 12.80
C ASP C 100 -20.93 -4.53 11.35
N VAL C 101 -20.47 -3.51 10.62
CA VAL C 101 -20.01 -3.68 9.24
C VAL C 101 -18.62 -4.39 9.17
N ALA C 102 -17.70 -3.99 10.02
CA ALA C 102 -16.36 -4.61 10.03
C ALA C 102 -15.71 -4.46 11.39
N THR C 103 -14.87 -5.40 11.77
CA THR C 103 -14.14 -5.29 13.03
C THR C 103 -12.67 -5.62 12.83
N ALA C 104 -11.83 -5.00 13.67
CA ALA C 104 -10.40 -5.19 13.64
C ALA C 104 -9.87 -5.13 15.08
N ASP C 105 -8.94 -6.01 15.37
CA ASP C 105 -8.24 -6.12 16.66
C ASP C 105 -6.71 -6.25 16.27
N PHE C 106 -5.92 -5.27 16.69
CA PHE C 106 -4.53 -5.16 16.34
C PHE C 106 -3.71 -4.46 17.46
N GLU C 107 -2.40 -4.60 17.40
CA GLU C 107 -1.51 -4.11 18.48
C GLU C 107 -0.26 -3.60 17.83
N PHE C 108 0.15 -2.39 18.21
CA PHE C 108 1.34 -1.75 17.70
C PHE C 108 2.33 -1.65 18.87
N ALA C 109 3.59 -1.62 18.52
CA ALA C 109 4.70 -1.45 19.44
C ALA C 109 5.47 -0.26 18.98
N ALA C 110 5.90 0.58 19.89
CA ALA C 110 6.86 1.66 19.58
C ALA C 110 8.05 1.54 20.52
N LEU C 111 9.22 1.58 19.93
CA LEU C 111 10.42 1.34 20.70
C LEU C 111 11.00 2.67 21.03
N PHE C 112 11.35 2.91 22.31
CA PHE C 112 11.94 4.20 22.74
C PHE C 112 13.29 4.01 23.36
N ASP C 113 14.17 4.99 23.15
CA ASP C 113 15.45 5.04 23.83
C ASP C 113 15.35 6.18 24.83
N TYR C 114 16.01 6.06 25.96
CA TYR C 114 16.09 7.24 26.83
C TYR C 114 17.50 7.42 27.32
N HIS C 115 17.82 8.63 27.75
CA HIS C 115 19.22 8.92 28.07
C HIS C 115 19.17 9.74 29.36
N LEU C 116 19.61 9.18 30.45
CA LEU C 116 19.51 9.92 31.75
C LEU C 116 20.66 10.90 31.92
N GLN C 117 20.49 11.94 32.75
CA GLN C 117 21.66 12.68 33.19
C GLN C 117 22.46 11.81 34.15
N GLU C 118 23.75 12.02 34.25
CA GLU C 118 24.55 11.33 35.24
C GLU C 118 23.99 11.59 36.62
N GLY C 119 23.69 10.48 37.31
CA GLY C 119 23.13 10.45 38.64
C GLY C 119 21.62 10.37 38.74
N GLU C 120 20.95 10.62 37.63
CA GLU C 120 19.48 10.58 37.60
C GLU C 120 19.01 9.16 37.88
N ASP C 121 17.99 8.96 38.69
CA ASP C 121 17.48 7.65 38.93
C ASP C 121 16.66 7.19 37.74
N ASP C 122 16.59 5.87 37.70
CA ASP C 122 15.79 5.19 36.68
C ASP C 122 14.32 5.53 36.63
N PRO C 123 13.72 5.41 35.45
CA PRO C 123 12.28 5.66 35.42
C PRO C 123 11.57 4.60 36.26
N THR C 124 10.54 4.99 36.97
CA THR C 124 9.80 4.00 37.70
C THR C 124 8.68 3.42 36.84
N GLU C 125 8.04 2.37 37.37
CA GLU C 125 6.88 1.75 36.74
C GLU C 125 5.78 2.74 36.48
N GLU C 126 5.48 3.59 37.44
CA GLU C 126 4.47 4.65 37.27
C GLU C 126 4.86 5.70 36.21
N GLU C 127 6.14 6.09 36.09
CA GLU C 127 6.45 7.08 35.04
C GLU C 127 6.25 6.41 33.66
N LEU C 128 6.71 5.18 33.58
CA LEU C 128 6.66 4.39 32.34
C LEU C 128 5.23 4.20 31.82
N THR C 129 4.31 3.84 32.73
CA THR C 129 2.88 3.59 32.38
C THR C 129 2.24 4.92 32.08
N ALA C 130 2.58 5.96 32.83
CA ALA C 130 1.96 7.24 32.58
C ALA C 130 2.35 7.71 31.14
N TYR C 131 3.61 7.53 30.81
CA TYR C 131 4.16 7.98 29.54
C TYR C 131 3.52 7.17 28.42
N ALA C 132 3.39 5.88 28.66
CA ALA C 132 2.81 5.00 27.65
C ALA C 132 1.34 5.39 27.34
N ALA C 133 0.59 5.79 28.39
CA ALA C 133 -0.81 6.30 28.23
C ALA C 133 -0.94 7.63 27.57
N THR C 134 0.10 8.44 27.57
CA THR C 134 0.02 9.83 27.13
C THR C 134 0.94 10.04 25.91
N THR C 135 2.23 10.29 26.11
CA THR C 135 3.19 10.54 25.00
C THR C 135 3.41 9.32 24.08
N GLY C 136 3.47 8.12 24.65
CA GLY C 136 3.56 6.88 23.87
C GLY C 136 2.40 6.80 22.87
N ARG C 137 1.21 6.98 23.41
CA ARG C 137 -0.03 6.95 22.69
C ARG C 137 -0.08 7.98 21.58
N PHE C 138 0.37 9.19 21.93
CA PHE C 138 0.34 10.34 21.06
C PHE C 138 1.29 10.06 19.92
N ALA C 139 2.45 9.50 20.20
CA ALA C 139 3.47 9.19 19.16
C ALA C 139 2.98 8.16 18.15
N LEU C 140 2.27 7.19 18.65
CA LEU C 140 1.79 6.06 17.85
C LEU C 140 0.55 6.41 17.07
N TYR C 141 -0.25 7.32 17.60
CA TYR C 141 -1.62 7.50 17.08
C TYR C 141 -1.61 7.84 15.57
N PRO C 142 -0.70 8.72 15.12
CA PRO C 142 -0.78 9.04 13.66
C PRO C 142 -0.45 7.76 12.74
N TYR C 143 0.33 6.80 13.29
CA TYR C 143 0.68 5.58 12.57
C TYR C 143 -0.51 4.65 12.62
N ILE C 144 -1.19 4.64 13.74
CA ILE C 144 -2.43 3.87 13.84
C ILE C 144 -3.44 4.39 12.81
N ARG C 145 -3.52 5.72 12.70
CA ARG C 145 -4.44 6.32 11.79
C ARG C 145 -4.10 5.79 10.35
N GLU C 146 -2.82 5.84 9.99
CA GLU C 146 -2.46 5.46 8.58
C GLU C 146 -2.78 3.95 8.35
N TYR C 147 -2.53 3.16 9.37
CA TYR C 147 -2.84 1.74 9.27
C TYR C 147 -4.33 1.45 9.06
N VAL C 148 -5.17 2.14 9.85
CA VAL C 148 -6.59 1.98 9.78
C VAL C 148 -7.11 2.42 8.43
N TYR C 149 -6.56 3.54 7.94
CA TYR C 149 -6.98 4.06 6.64
C TYR C 149 -6.64 3.04 5.54
N ASP C 150 -5.44 2.50 5.58
CA ASP C 150 -5.02 1.49 4.64
C ASP C 150 -5.86 0.22 4.70
N LEU C 151 -6.06 -0.27 5.93
CA LEU C 151 -6.85 -1.49 6.11
C LEU C 151 -8.32 -1.38 5.63
N THR C 152 -8.99 -0.34 6.10
CA THR C 152 -10.40 -0.08 5.63
C THR C 152 -10.52 0.09 4.11
N GLY C 153 -9.58 0.80 3.45
CA GLY C 153 -9.55 0.91 1.97
C GLY C 153 -9.38 -0.48 1.36
N ARG C 154 -8.44 -1.26 1.85
CA ARG C 154 -8.30 -2.62 1.32
C ARG C 154 -9.53 -3.54 1.38
N LEU C 155 -10.24 -3.46 2.52
CA LEU C 155 -11.45 -4.21 2.71
C LEU C 155 -12.64 -3.70 1.87
N ALA C 156 -12.37 -2.63 1.12
CA ALA C 156 -13.24 -1.95 0.18
C ALA C 156 -14.37 -1.25 0.92
N LEU C 157 -14.01 -0.66 2.05
CA LEU C 157 -14.90 0.22 2.73
C LEU C 157 -14.43 1.59 2.32
N PRO C 158 -15.30 2.61 2.45
CA PRO C 158 -14.87 4.01 2.53
C PRO C 158 -13.67 4.13 3.45
N PRO C 159 -12.54 4.71 2.94
CA PRO C 159 -11.34 4.73 3.85
C PRO C 159 -11.65 5.58 5.09
N LEU C 160 -11.38 5.02 6.24
CA LEU C 160 -11.57 5.71 7.51
C LEU C 160 -10.32 6.55 7.95
N THR C 161 -10.50 7.87 8.21
CA THR C 161 -9.40 8.71 8.78
C THR C 161 -9.71 8.93 10.24
N LEU C 162 -8.92 8.33 11.15
CA LEU C 162 -9.27 8.47 12.56
C LEU C 162 -9.33 9.95 13.01
N GLU C 163 -10.28 10.26 13.91
CA GLU C 163 -10.37 11.63 14.50
C GLU C 163 -9.10 12.01 15.29
N ILE C 164 -8.91 13.31 15.38
CA ILE C 164 -7.76 13.89 16.06
C ILE C 164 -7.84 13.43 17.50
N LEU C 165 -6.68 13.07 18.04
CA LEU C 165 -6.54 12.71 19.43
C LEU C 165 -6.54 13.98 20.31
N SER C 166 -7.60 14.25 21.06
CA SER C 166 -7.58 15.46 21.93
C SER C 166 -6.94 15.18 23.29
N ASP D 9 1.77 -27.90 -12.03
CA ASP D 9 2.49 -27.51 -13.28
C ASP D 9 1.54 -27.57 -14.48
N ALA D 10 1.77 -28.51 -15.39
CA ALA D 10 1.19 -28.49 -16.72
C ALA D 10 -0.31 -28.78 -16.86
N ASP D 11 -1.01 -29.13 -15.79
CA ASP D 11 -2.46 -29.35 -15.88
C ASP D 11 -3.24 -28.05 -16.12
N ASP D 12 -2.54 -26.90 -16.08
CA ASP D 12 -3.17 -25.57 -16.19
C ASP D 12 -3.74 -25.21 -17.57
N LEU D 13 -3.25 -25.80 -18.64
CA LEU D 13 -3.79 -25.45 -19.98
C LEU D 13 -5.08 -26.17 -20.30
N ASP D 14 -5.32 -27.30 -19.66
CA ASP D 14 -6.64 -27.91 -19.73
C ASP D 14 -7.69 -26.99 -19.08
N LEU D 15 -7.38 -26.50 -17.87
CA LEU D 15 -8.29 -25.59 -17.13
C LEU D 15 -8.62 -24.32 -17.95
N GLN D 16 -7.70 -23.81 -18.76
CA GLN D 16 -7.99 -22.69 -19.67
C GLN D 16 -8.97 -23.02 -20.78
N ARG D 17 -8.96 -24.26 -21.30
CA ARG D 17 -10.02 -24.72 -22.22
C ARG D 17 -11.40 -24.86 -21.52
N VAL D 18 -11.41 -25.39 -20.33
CA VAL D 18 -12.65 -25.58 -19.67
C VAL D 18 -13.28 -24.25 -19.22
N GLY D 19 -12.46 -23.22 -18.92
CA GLY D 19 -13.03 -21.93 -18.51
C GLY D 19 -13.20 -20.90 -19.61
N ALA D 20 -12.94 -21.27 -20.86
CA ALA D 20 -12.88 -20.30 -21.98
C ALA D 20 -14.22 -19.76 -22.39
N ARG D 21 -15.26 -20.59 -22.26
CA ARG D 21 -16.59 -20.15 -22.58
C ARG D 21 -16.97 -19.04 -21.61
N LEU D 22 -16.75 -19.31 -20.32
CA LEU D 22 -17.06 -18.31 -19.32
C LEU D 22 -16.16 -17.07 -19.41
N ALA D 23 -14.86 -17.29 -19.62
CA ALA D 23 -13.86 -16.21 -19.85
C ALA D 23 -14.22 -15.32 -20.97
N ALA D 24 -14.82 -15.86 -22.03
CA ALA D 24 -15.32 -15.01 -23.11
C ALA D 24 -16.56 -14.14 -22.68
N ARG D 25 -17.29 -14.47 -21.63
CA ARG D 25 -18.48 -13.69 -21.23
C ARG D 25 -18.32 -12.96 -19.87
N ALA D 26 -17.27 -13.27 -19.11
CA ALA D 26 -17.20 -12.71 -17.74
C ALA D 26 -16.47 -11.37 -17.78
N GLN D 27 -16.79 -10.51 -16.84
CA GLN D 27 -16.11 -9.23 -16.70
C GLN D 27 -15.80 -8.97 -15.21
N ILE D 28 -14.60 -8.47 -14.93
CA ILE D 28 -14.15 -8.16 -13.50
C ILE D 28 -14.67 -6.79 -13.06
N ARG D 29 -15.20 -6.71 -11.84
CA ARG D 29 -15.74 -5.47 -11.36
C ARG D 29 -14.96 -4.87 -10.22
N ASP D 30 -14.48 -5.69 -9.32
CA ASP D 30 -13.91 -5.24 -8.07
C ASP D 30 -13.04 -6.33 -7.42
N ILE D 31 -12.08 -5.90 -6.61
CA ILE D 31 -11.27 -6.80 -5.82
C ILE D 31 -11.26 -6.26 -4.40
N ARG D 32 -11.21 -7.16 -3.44
CA ARG D 32 -11.13 -6.67 -2.08
C ARG D 32 -10.54 -7.70 -1.19
N LEU D 33 -9.94 -7.25 -0.07
CA LEU D 33 -9.53 -8.10 1.02
C LEU D 33 -10.80 -8.41 1.79
N LEU D 34 -11.03 -9.68 2.21
CA LEU D 34 -12.21 -10.05 3.01
C LEU D 34 -11.88 -10.24 4.50
N ARG D 35 -10.68 -10.67 4.79
CA ARG D 35 -10.26 -10.94 6.12
C ARG D 35 -8.79 -11.09 6.16
N THR D 36 -8.18 -10.77 7.30
CA THR D 36 -6.81 -11.03 7.49
C THR D 36 -6.51 -11.30 8.98
N GLN D 37 -5.46 -12.03 9.22
CA GLN D 37 -4.89 -12.25 10.59
C GLN D 37 -3.41 -12.40 10.41
N ALA D 38 -2.59 -11.83 11.32
CA ALA D 38 -1.18 -11.93 11.17
C ALA D 38 -0.52 -11.60 12.48
N ALA D 39 0.64 -12.20 12.68
CA ALA D 39 1.42 -11.98 13.91
C ALA D 39 2.86 -12.23 13.72
N VAL D 40 3.68 -11.48 14.48
CA VAL D 40 5.10 -11.76 14.55
C VAL D 40 5.35 -12.51 15.88
N HIS D 41 6.13 -13.59 15.85
CA HIS D 41 6.31 -14.41 17.07
C HIS D 41 7.68 -14.28 17.69
N ARG D 42 8.70 -14.02 16.88
CA ARG D 42 10.12 -14.24 17.23
C ARG D 42 10.97 -13.34 16.33
N ALA D 43 12.22 -13.16 16.68
CA ALA D 43 13.06 -12.23 15.96
C ALA D 43 13.48 -12.78 14.65
N PRO D 44 13.40 -11.89 13.58
CA PRO D 44 14.15 -12.34 12.41
C PRO D 44 15.64 -12.18 12.67
N LYS D 45 16.39 -13.18 12.27
CA LYS D 45 17.81 -13.07 12.30
C LYS D 45 18.21 -12.65 10.88
N LEU D 50 16.38 -15.85 5.97
CA LEU D 50 14.99 -16.24 6.26
C LEU D 50 14.43 -17.09 5.13
N THR D 51 13.37 -17.81 5.44
CA THR D 51 12.63 -18.57 4.41
C THR D 51 11.14 -18.33 4.60
N TYR D 52 10.38 -18.73 3.60
CA TYR D 52 8.93 -18.69 3.72
C TYR D 52 8.29 -19.81 2.89
N ASP D 53 7.04 -20.08 3.19
CA ASP D 53 6.16 -20.99 2.49
C ASP D 53 4.85 -20.23 2.42
N LEU D 54 4.22 -20.26 1.26
CA LEU D 54 2.93 -19.62 1.04
C LEU D 54 1.95 -20.61 0.33
N GLU D 55 0.85 -20.96 0.99
CA GLU D 55 -0.19 -21.85 0.43
C GLU D 55 -1.44 -21.03 0.06
N PHE D 56 -2.01 -21.33 -1.10
CA PHE D 56 -3.22 -20.76 -1.66
C PHE D 56 -4.34 -21.80 -1.71
N GLU D 57 -5.58 -21.33 -1.66
CA GLU D 57 -6.73 -22.22 -1.73
C GLU D 57 -7.83 -21.41 -2.48
N PRO D 58 -7.99 -21.64 -3.80
CA PRO D 58 -9.05 -20.90 -4.48
C PRO D 58 -10.42 -21.47 -4.18
N ALA D 59 -11.45 -20.66 -4.40
CA ALA D 59 -12.83 -21.04 -4.13
C ALA D 59 -13.67 -20.07 -4.91
N VAL D 60 -14.89 -20.50 -5.26
CA VAL D 60 -15.82 -19.65 -6.04
C VAL D 60 -17.17 -19.67 -5.40
N ASP D 61 -17.83 -18.51 -5.37
CA ASP D 61 -19.18 -18.36 -4.91
C ASP D 61 -20.06 -18.01 -6.07
N ALA D 62 -21.08 -18.82 -6.31
CA ALA D 62 -22.05 -18.45 -7.35
C ALA D 62 -23.40 -19.11 -7.09
N ASP D 63 -24.40 -18.66 -7.80
CA ASP D 63 -25.70 -19.27 -7.69
C ASP D 63 -26.29 -18.74 -8.97
N PRO D 64 -25.95 -19.42 -10.09
CA PRO D 64 -26.32 -18.97 -11.41
C PRO D 64 -27.77 -19.22 -11.78
N ALA D 65 -28.67 -19.27 -10.79
CA ALA D 65 -30.12 -19.21 -11.00
C ALA D 65 -30.76 -17.98 -10.35
N THR D 66 -30.10 -17.37 -9.36
CA THR D 66 -30.46 -16.00 -8.89
C THR D 66 -29.72 -14.93 -9.68
N ILE D 67 -28.40 -14.86 -9.47
CA ILE D 67 -27.55 -13.78 -10.05
C ILE D 67 -26.50 -14.25 -11.13
N SER D 68 -26.34 -13.44 -12.16
CA SER D 68 -25.36 -13.73 -13.18
C SER D 68 -24.05 -12.98 -12.78
N ALA D 69 -23.44 -13.45 -11.70
CA ALA D 69 -22.24 -12.83 -11.14
C ALA D 69 -21.68 -13.87 -10.21
N PHE D 70 -20.40 -13.81 -9.91
CA PHE D 70 -19.85 -14.75 -8.99
C PHE D 70 -18.59 -14.08 -8.43
N VAL D 71 -18.07 -14.71 -7.39
CA VAL D 71 -16.95 -14.17 -6.68
C VAL D 71 -15.87 -15.26 -6.62
N VAL D 72 -14.66 -14.90 -7.04
CA VAL D 72 -13.50 -15.77 -6.87
C VAL D 72 -12.76 -15.34 -5.58
N ARG D 73 -12.55 -16.27 -4.67
CA ARG D 73 -11.77 -16.04 -3.45
C ARG D 73 -10.53 -16.89 -3.48
N ILE D 74 -9.46 -16.34 -2.93
CA ILE D 74 -8.20 -17.04 -2.73
C ILE D 74 -7.74 -16.77 -1.28
N SER D 75 -7.69 -17.86 -0.54
CA SER D 75 -7.26 -17.87 0.85
C SER D 75 -5.76 -18.22 0.87
N CYS D 76 -4.96 -17.50 1.67
CA CYS D 76 -3.54 -17.56 1.68
C CYS D 76 -3.07 -17.83 3.08
N HIS D 77 -2.12 -18.74 3.21
CA HIS D 77 -1.46 -18.93 4.47
C HIS D 77 0.03 -18.73 4.25
N LEU D 78 0.60 -17.78 4.99
CA LEU D 78 2.00 -17.49 4.91
C LEU D 78 2.75 -17.82 6.21
N ARG D 79 3.88 -18.48 6.05
CA ARG D 79 4.73 -18.83 7.14
C ARG D 79 6.16 -18.32 6.82
N ILE D 80 6.76 -17.62 7.78
CA ILE D 80 8.15 -17.16 7.68
C ILE D 80 8.97 -17.74 8.85
N GLN D 81 10.14 -18.32 8.50
CA GLN D 81 11.04 -19.01 9.43
C GLN D 81 12.47 -18.52 9.20
N ASN D 82 13.29 -18.65 10.23
CA ASN D 82 14.76 -18.61 10.11
C ASN D 82 15.29 -19.93 9.49
N GLN D 83 16.38 -19.89 8.74
CA GLN D 83 16.90 -21.12 8.09
C GLN D 83 17.39 -22.19 9.09
N ASP D 100 8.49 -20.52 14.45
CA ASP D 100 8.27 -19.71 13.27
C ASP D 100 8.38 -18.21 13.64
N VAL D 101 8.79 -17.39 12.68
CA VAL D 101 9.03 -15.94 12.94
C VAL D 101 7.74 -15.11 12.88
N ALA D 102 6.93 -15.47 11.90
CA ALA D 102 5.69 -14.76 11.60
C ALA D 102 4.78 -15.64 10.73
N THR D 103 3.48 -15.45 10.94
CA THR D 103 2.46 -16.15 10.22
C THR D 103 1.38 -15.15 9.79
N ALA D 104 0.75 -15.42 8.64
CA ALA D 104 -0.39 -14.63 8.17
C ALA D 104 -1.43 -15.52 7.50
N ASP D 105 -2.67 -15.16 7.65
CA ASP D 105 -3.75 -15.92 7.05
C ASP D 105 -4.68 -14.85 6.54
N PHE D 106 -4.90 -14.79 5.22
CA PHE D 106 -5.71 -13.75 4.63
C PHE D 106 -6.40 -14.26 3.38
N GLU D 107 -7.44 -13.58 3.02
CA GLU D 107 -8.18 -13.94 1.80
C GLU D 107 -8.58 -12.74 0.98
N PHE D 108 -8.38 -12.87 -0.30
CA PHE D 108 -8.74 -11.84 -1.28
C PHE D 108 -9.93 -12.31 -2.12
N ALA D 109 -10.71 -11.40 -2.66
CA ALA D 109 -11.84 -11.77 -3.47
C ALA D 109 -11.90 -10.89 -4.67
N ALA D 110 -12.35 -11.46 -5.79
CA ALA D 110 -12.63 -10.68 -7.01
C ALA D 110 -14.09 -10.95 -7.42
N LEU D 111 -14.76 -9.91 -7.83
CA LEU D 111 -16.16 -9.93 -8.13
C LEU D 111 -16.22 -9.88 -9.64
N PHE D 112 -16.93 -10.87 -10.23
CA PHE D 112 -17.12 -10.91 -11.67
C PHE D 112 -18.62 -10.87 -12.02
N ASP D 113 -18.89 -10.26 -13.14
CA ASP D 113 -20.19 -10.17 -13.74
C ASP D 113 -20.17 -10.97 -15.04
N TYR D 114 -21.25 -11.65 -15.37
CA TYR D 114 -21.37 -12.21 -16.72
C TYR D 114 -22.74 -11.94 -17.35
N HIS D 115 -22.74 -11.97 -18.68
CA HIS D 115 -23.95 -11.72 -19.48
C HIS D 115 -24.15 -12.95 -20.46
N LEU D 116 -25.29 -13.64 -20.38
CA LEU D 116 -25.58 -14.77 -21.31
C LEU D 116 -26.51 -14.32 -22.44
N GLN D 117 -26.04 -14.44 -23.70
CA GLN D 117 -26.83 -14.27 -24.94
C GLN D 117 -28.17 -15.03 -24.92
N GLU D 118 -28.95 -14.92 -26.00
CA GLU D 118 -30.33 -15.45 -26.02
C GLU D 118 -30.50 -16.94 -25.59
N GLY D 119 -29.65 -17.84 -26.08
CA GLY D 119 -29.80 -19.26 -25.71
C GLY D 119 -29.00 -19.79 -24.50
N GLU D 120 -27.88 -19.15 -24.21
CA GLU D 120 -26.80 -19.81 -23.49
C GLU D 120 -27.16 -20.40 -22.14
N ASP D 121 -26.40 -21.41 -21.80
CA ASP D 121 -26.59 -22.08 -20.55
C ASP D 121 -25.72 -21.41 -19.53
N ASP D 122 -26.07 -21.68 -18.29
CA ASP D 122 -25.41 -21.12 -17.12
C ASP D 122 -24.05 -21.75 -17.00
N PRO D 123 -23.10 -21.03 -16.35
CA PRO D 123 -21.86 -21.72 -16.19
C PRO D 123 -22.07 -22.83 -15.21
N THR D 124 -21.39 -23.94 -15.44
CA THR D 124 -21.40 -25.04 -14.49
C THR D 124 -20.27 -24.84 -13.49
N GLU D 125 -20.21 -25.74 -12.50
CA GLU D 125 -19.22 -25.69 -11.42
C GLU D 125 -17.81 -25.89 -11.99
N GLU D 126 -17.73 -26.71 -13.03
CA GLU D 126 -16.50 -27.02 -13.73
C GLU D 126 -15.98 -25.79 -14.44
N GLU D 127 -16.85 -25.03 -15.12
CA GLU D 127 -16.37 -23.88 -15.82
C GLU D 127 -15.95 -22.78 -14.77
N LEU D 128 -16.73 -22.65 -13.70
CA LEU D 128 -16.49 -21.66 -12.62
C LEU D 128 -15.19 -21.93 -11.90
N THR D 129 -14.99 -23.19 -11.47
CA THR D 129 -13.75 -23.65 -10.81
C THR D 129 -12.50 -23.57 -11.70
N ALA D 130 -12.64 -23.77 -13.01
CA ALA D 130 -11.53 -23.67 -13.93
C ALA D 130 -11.18 -22.20 -14.19
N TYR D 131 -12.17 -21.35 -14.33
CA TYR D 131 -11.88 -19.91 -14.51
C TYR D 131 -11.23 -19.27 -13.25
N ALA D 132 -11.75 -19.64 -12.08
CA ALA D 132 -11.17 -19.33 -10.83
C ALA D 132 -9.68 -19.68 -10.67
N ALA D 133 -9.27 -20.86 -11.16
CA ALA D 133 -7.92 -21.40 -10.99
C ALA D 133 -6.98 -20.78 -11.97
N THR D 134 -7.53 -20.13 -12.98
CA THR D 134 -6.71 -19.53 -14.02
C THR D 134 -6.81 -17.98 -14.04
N THR D 135 -7.74 -17.43 -14.80
CA THR D 135 -7.96 -16.00 -14.82
C THR D 135 -8.08 -15.39 -13.40
N GLY D 136 -8.75 -16.06 -12.48
CA GLY D 136 -8.95 -15.59 -11.12
C GLY D 136 -7.68 -15.50 -10.36
N ARG D 137 -6.97 -16.60 -10.36
CA ARG D 137 -5.70 -16.66 -9.75
C ARG D 137 -4.74 -15.58 -10.29
N PHE D 138 -4.68 -15.40 -11.61
CA PHE D 138 -3.67 -14.52 -12.17
C PHE D 138 -4.04 -13.07 -11.93
N ALA D 139 -5.34 -12.86 -11.83
CA ALA D 139 -5.85 -11.51 -11.60
C ALA D 139 -5.58 -11.13 -10.10
N LEU D 140 -5.76 -12.10 -9.21
CA LEU D 140 -5.52 -11.92 -7.78
C LEU D 140 -4.10 -11.92 -7.28
N TYR D 141 -3.22 -12.63 -7.98
CA TYR D 141 -1.90 -12.78 -7.51
C TYR D 141 -1.16 -11.43 -7.25
N PRO D 142 -1.26 -10.47 -8.17
CA PRO D 142 -0.57 -9.17 -7.86
C PRO D 142 -0.98 -8.52 -6.56
N TYR D 143 -2.23 -8.72 -6.13
CA TYR D 143 -2.77 -8.08 -4.95
C TYR D 143 -2.20 -8.79 -3.70
N ILE D 144 -2.14 -10.12 -3.77
CA ILE D 144 -1.53 -10.92 -2.75
C ILE D 144 -0.07 -10.60 -2.58
N ARG D 145 0.61 -10.48 -3.70
CA ARG D 145 2.00 -10.14 -3.65
C ARG D 145 2.20 -8.77 -2.98
N GLU D 146 1.41 -7.79 -3.37
CA GLU D 146 1.51 -6.44 -2.76
C GLU D 146 1.12 -6.49 -1.26
N TYR D 147 0.11 -7.25 -0.93
CA TYR D 147 -0.28 -7.30 0.48
C TYR D 147 0.86 -7.87 1.30
N VAL D 148 1.44 -8.97 0.78
CA VAL D 148 2.61 -9.58 1.47
C VAL D 148 3.77 -8.63 1.74
N TYR D 149 4.08 -7.89 0.69
CA TYR D 149 5.11 -6.85 0.78
C TYR D 149 4.77 -5.84 1.85
N ASP D 150 3.54 -5.33 1.86
CA ASP D 150 3.16 -4.26 2.80
C ASP D 150 3.16 -4.80 4.21
N LEU D 151 2.66 -6.01 4.32
CA LEU D 151 2.50 -6.63 5.67
C LEU D 151 3.83 -6.93 6.41
N THR D 152 4.77 -7.55 5.67
CA THR D 152 6.10 -7.80 6.21
C THR D 152 6.76 -6.46 6.63
N GLY D 153 6.58 -5.41 5.82
CA GLY D 153 7.06 -4.09 6.22
C GLY D 153 6.48 -3.58 7.52
N ARG D 154 5.18 -3.65 7.67
CA ARG D 154 4.52 -3.17 8.87
C ARG D 154 4.91 -4.00 10.07
N LEU D 155 5.10 -5.28 9.86
CA LEU D 155 5.64 -6.13 10.96
C LEU D 155 7.17 -5.84 11.29
N ALA D 156 7.84 -4.98 10.53
CA ALA D 156 9.26 -4.71 10.68
C ALA D 156 10.12 -5.93 10.38
N LEU D 157 9.67 -6.80 9.48
CA LEU D 157 10.52 -7.89 9.00
C LEU D 157 11.25 -7.43 7.74
N PRO D 158 12.29 -8.18 7.31
CA PRO D 158 12.78 -7.92 5.98
C PRO D 158 11.58 -8.01 4.95
N PRO D 159 11.44 -6.99 4.12
CA PRO D 159 10.29 -7.01 3.18
C PRO D 159 10.38 -8.17 2.20
N LEU D 160 9.27 -8.88 2.10
CA LEU D 160 9.14 -10.03 1.29
C LEU D 160 8.39 -9.66 0.04
N THR D 161 9.03 -9.89 -1.09
CA THR D 161 8.53 -9.72 -2.39
C THR D 161 8.42 -11.10 -3.03
N LEU D 162 7.21 -11.60 -3.24
CA LEU D 162 7.00 -12.93 -3.81
C LEU D 162 7.49 -12.95 -5.28
N GLU D 163 7.82 -14.11 -5.74
CA GLU D 163 8.22 -14.27 -7.14
C GLU D 163 6.97 -14.04 -8.02
N ILE D 164 7.23 -13.64 -9.26
CA ILE D 164 6.14 -13.51 -10.25
C ILE D 164 5.70 -14.95 -10.64
N LEU D 165 4.39 -15.22 -10.65
CA LEU D 165 3.84 -16.51 -11.12
C LEU D 165 3.90 -16.57 -12.64
N SER D 166 4.32 -17.68 -13.23
CA SER D 166 4.39 -17.87 -14.68
C SER D 166 3.00 -18.11 -15.32
N GLU E 1 14.94 -8.18 29.81
CA GLU E 1 14.40 -8.83 28.59
C GLU E 1 13.30 -7.97 27.94
N VAL E 2 13.70 -6.85 27.35
CA VAL E 2 12.78 -5.97 26.64
C VAL E 2 12.68 -6.47 25.17
N PRO E 3 11.48 -6.65 24.61
CA PRO E 3 11.41 -7.14 23.24
C PRO E 3 11.69 -5.99 22.19
N THR E 4 12.97 -5.62 22.10
CA THR E 4 13.47 -4.61 21.14
C THR E 4 13.59 -5.32 19.80
N TRP E 5 13.80 -4.57 18.73
CA TRP E 5 14.04 -5.20 17.43
C TRP E 5 14.92 -4.27 16.67
N HIS E 6 15.55 -4.75 15.63
CA HIS E 6 16.34 -3.90 14.78
C HIS E 6 15.80 -4.12 13.37
N ARG E 7 15.39 -3.04 12.70
CA ARG E 7 14.96 -3.12 11.31
C ARG E 7 16.23 -3.05 10.40
N LEU E 8 16.41 -3.96 9.47
CA LEU E 8 17.60 -3.87 8.60
C LEU E 8 17.34 -2.87 7.48
N SER E 9 18.37 -2.14 7.07
CA SER E 9 18.25 -1.20 5.95
C SER E 9 19.46 -1.29 5.05
N SER E 10 19.26 -1.19 3.74
CA SER E 10 20.37 -0.99 2.81
C SER E 10 20.83 0.44 2.65
N TYR E 11 20.18 1.39 3.34
CA TYR E 11 20.46 2.81 3.21
C TYR E 11 21.27 3.38 4.42
N ARG E 12 22.14 4.33 4.17
CA ARG E 12 22.88 5.00 5.21
C ARG E 12 22.27 6.37 5.32
N GLU F 1 21.88 -1.64 -24.58
CA GLU F 1 21.73 -2.44 -23.35
C GLU F 1 20.33 -3.01 -23.26
N VAL F 2 20.25 -4.26 -22.88
CA VAL F 2 19.06 -4.83 -22.33
C VAL F 2 19.07 -4.42 -20.85
N PRO F 3 18.13 -3.56 -20.42
CA PRO F 3 18.15 -3.01 -19.01
C PRO F 3 17.61 -4.01 -17.99
N THR F 4 18.39 -5.02 -17.69
CA THR F 4 18.00 -6.08 -16.77
C THR F 4 18.23 -5.51 -15.39
N TRP F 5 17.75 -6.20 -14.36
CA TRP F 5 17.95 -5.79 -12.99
C TRP F 5 17.91 -7.03 -12.16
N HIS F 6 18.40 -6.92 -10.95
CA HIS F 6 18.26 -7.96 -9.95
C HIS F 6 17.75 -7.31 -8.63
N ARG F 7 16.70 -7.86 -8.07
CA ARG F 7 16.08 -7.36 -6.86
C ARG F 7 16.75 -8.09 -5.70
N LEU F 8 17.25 -7.39 -4.68
CA LEU F 8 17.81 -8.06 -3.46
C LEU F 8 16.72 -8.63 -2.55
N SER F 9 17.00 -9.73 -1.87
CA SER F 9 16.06 -10.35 -0.96
C SER F 9 16.82 -10.94 0.19
N SER F 10 16.26 -10.88 1.40
CA SER F 10 16.76 -11.67 2.55
C SER F 10 16.17 -13.07 2.61
N TYR F 11 15.40 -13.48 1.58
CA TYR F 11 14.70 -14.77 1.59
C TYR F 11 15.13 -15.84 0.57
N ARG F 12 14.89 -17.12 0.92
CA ARG F 12 15.21 -18.31 0.09
C ARG F 12 14.06 -19.33 0.20
N GLU G 1 -10.63 29.14 -4.76
CA GLU G 1 -11.40 28.08 -4.02
C GLU G 1 -10.46 27.15 -3.22
N VAL G 2 -10.78 26.79 -1.99
CA VAL G 2 -10.01 25.76 -1.25
C VAL G 2 -10.17 24.45 -2.03
N PRO G 3 -9.08 23.72 -2.31
CA PRO G 3 -9.23 22.46 -3.08
C PRO G 3 -9.67 21.34 -2.12
N THR G 4 -10.93 21.38 -1.66
CA THR G 4 -11.49 20.26 -0.89
C THR G 4 -11.88 19.11 -1.83
N TRP G 5 -12.13 17.94 -1.29
CA TRP G 5 -12.68 16.81 -2.05
C TRP G 5 -13.56 16.07 -1.08
N HIS G 6 -14.49 15.30 -1.64
CA HIS G 6 -15.60 14.77 -0.85
C HIS G 6 -15.93 13.35 -1.28
N ARG G 7 -16.23 12.53 -0.31
CA ARG G 7 -16.63 11.18 -0.49
C ARG G 7 -18.15 11.13 -0.45
N LEU G 8 -18.74 10.09 -0.98
CA LEU G 8 -20.21 9.83 -0.79
C LEU G 8 -20.53 9.60 0.70
N SER G 9 -19.76 8.72 1.29
CA SER G 9 -19.96 8.28 2.63
C SER G 9 -19.18 9.18 3.56
N SER G 10 -19.55 9.18 4.81
CA SER G 10 -18.61 9.69 5.76
C SER G 10 -18.93 9.06 7.09
N TYR G 11 -17.92 9.16 7.94
CA TYR G 11 -17.88 8.59 9.27
C TYR G 11 -18.23 9.64 10.40
N ARG G 12 -18.42 10.91 10.06
CA ARG G 12 -18.79 11.94 11.05
C ARG G 12 -20.11 11.61 11.72
S DMS H . 5.79 0.23 6.28
O DMS H . 6.37 0.06 7.59
C1 DMS H . 4.21 0.84 6.40
C2 DMS H . 6.60 1.58 5.64
CA CA I . 19.23 -16.95 -20.96
CA CA J . 19.56 4.49 26.04
S DMS K . 5.92 -4.89 -5.05
O DMS K . 7.18 -5.03 -4.29
C1 DMS K . 4.91 -6.08 -4.36
C2 DMS K . 4.97 -3.54 -4.60
CA CA L . -24.86 -10.33 -14.88
#